data_8H4R
#
_entry.id   8H4R
#
_cell.length_a   155.027
_cell.length_b   155.027
_cell.length_c   76.788
_cell.angle_alpha   90.000
_cell.angle_beta   90.000
_cell.angle_gamma   120.000
#
_symmetry.space_group_name_H-M   'P 63'
#
loop_
_entity.id
_entity.type
_entity.pdbx_description
1 polymer 'Glutathione S-transferase class-mu 26 kDa isozyme,Cyclin-dependent kinase 3'
2 polymer 'G1/S-specific cyclin-E1'
3 non-polymer 3-[({3-ethyl-5-[(2S)-2-(2-hydroxyethyl)piperidin-1-yl]pyrazolo[1,5-a]pyrimidin-7-yl}amino)methyl]-1-hydroxypyridinium
4 non-polymer 'SULFATE ION'
5 non-polymer GLYCEROL
6 non-polymer '2-(N-MORPHOLINO)-ETHANESULFONIC ACID'
7 water water
#
loop_
_entity_poly.entity_id
_entity_poly.type
_entity_poly.pdbx_seq_one_letter_code
_entity_poly.pdbx_strand_id
1 'polypeptide(L)'
;MSPILGYWKIKGLVQPTRLLLEYLEEKYEEHLYERDEGDKWRNKKFELGLEFPNLPYYIDGDVKLTQSMAIIRYIADKHN
MLGGCPKERAEISMLEGAVLDIRYGVSRIAYSKDFETLKVDFLSKLPEMLKMFEDRLCHKTYLNGDHVTHPDFMLYDALD
VVLYMDPMCLDAFPKLVCFKKRIEAIPQIDKYLKSSKYIAWPLQGWQATFGGGDHPPKSDLEVLFQGPMDMFQKVEKIGE
GTYGVVYKAKNRETGQLVALKKIRLDLEMEGVPSTAIREISLLKELKHPNIVRLLDVVHNERKLYLVFEFLSQDLKKYMD
STPGSELPLHLIKSYLFQLLQGVSFCHSHRVIHRDLKPQNLLINELGAIKLADFGLARAFGVPLRTY(TPO)HEVVTLWY
RAPEILLGSKFYTTAVDIWSIGCIFAEMVTRKALFPGDSEIDQLFRIFRMLGTPSEDTWPGVTQLPDYKGSFPKWTRKGL
EEIVPNLEPEGRDLLMQLLQYDPSQRITAKTALAHPYFSSPEPSPAARQYVLQRFRH
;
A
2 'polypeptide(L)'
;MDYKDDDDKHHHHHHENLYFQGIIAPSRGSPLPVLSWANREEVWKIMLNKEKTYLRDQHFLEQHPLLQPKMRAILLDWLM
EVCEVYKLHRETFYLAQDFFDRYMATQENVVKTLLQLIGISSLFIAAKLEEIYPPKLHQFAYVTDGACSGDEILTMELMI
MKALKWRLSPLTIVSWLNVYMQVAYLNDLHEVLLPQYPQQIFIQIAELLDLCVLDVDCLEFPYGILAASALYHFSSSELM
QKVSGYQWCDIENCVKWMVPFAMVIRETGSSKLKHFRGVADEDAHNIQTHRDSLDLLDKARAKKA
;
B
#
loop_
_chem_comp.id
_chem_comp.type
_chem_comp.name
_chem_comp.formula
1QK non-polymer 3-[({3-ethyl-5-[(2S)-2-(2-hydroxyethyl)piperidin-1-yl]pyrazolo[1,5-a]pyrimidin-7-yl}amino)methyl]-1-hydroxypyridinium 'C21 H29 N6 O2 1'
GOL non-polymer GLYCEROL 'C3 H8 O3'
MES non-polymer '2-(N-MORPHOLINO)-ETHANESULFONIC ACID' 'C6 H13 N O4 S'
SO4 non-polymer 'SULFATE ION' 'O4 S -2'
#
# COMPACT_ATOMS: atom_id res chain seq x y z
N ASP A 230 -29.10 -5.87 -8.96
CA ASP A 230 -29.54 -5.80 -10.38
C ASP A 230 -29.98 -7.19 -10.81
N MET A 231 -29.03 -8.01 -11.26
CA MET A 231 -29.29 -9.39 -11.63
C MET A 231 -29.19 -10.27 -10.38
N PHE A 232 -29.58 -9.72 -9.21
CA PHE A 232 -29.35 -10.39 -7.94
C PHE A 232 -30.61 -10.30 -7.07
N GLN A 233 -30.94 -11.41 -6.37
CA GLN A 233 -32.01 -11.43 -5.39
C GLN A 233 -31.44 -11.08 -4.01
N LYS A 234 -31.48 -9.80 -3.63
CA LYS A 234 -30.72 -9.29 -2.49
C LYS A 234 -31.28 -9.91 -1.19
N VAL A 235 -31.03 -11.22 -1.03
CA VAL A 235 -31.47 -12.02 0.12
C VAL A 235 -31.56 -11.16 1.39
N GLU A 236 -30.53 -10.34 1.69
CA GLU A 236 -30.49 -9.63 2.96
C GLU A 236 -29.24 -8.78 3.08
N LYS A 237 -29.19 -8.00 4.17
CA LYS A 237 -28.03 -7.22 4.55
C LYS A 237 -27.25 -7.96 5.62
N ILE A 238 -26.01 -8.36 5.28
CA ILE A 238 -25.10 -8.98 6.21
C ILE A 238 -24.67 -7.97 7.27
N GLY A 239 -24.43 -6.72 6.87
CA GLY A 239 -23.92 -5.72 7.79
C GLY A 239 -23.18 -4.59 7.07
N GLU A 240 -22.32 -3.87 7.81
CA GLU A 240 -21.59 -2.74 7.27
C GLU A 240 -20.08 -2.96 7.37
N GLY A 241 -19.36 -2.63 6.29
CA GLY A 241 -17.91 -2.77 6.26
C GLY A 241 -17.21 -1.49 6.70
N THR A 242 -15.90 -1.43 6.45
CA THR A 242 -15.13 -0.21 6.66
C THR A 242 -15.75 0.91 5.84
N TYR A 243 -16.38 0.53 4.71
CA TYR A 243 -17.14 1.43 3.87
C TYR A 243 -18.29 0.62 3.26
N GLY A 244 -19.35 1.33 2.85
CA GLY A 244 -20.47 0.71 2.15
C GLY A 244 -21.25 -0.26 3.05
N VAL A 245 -22.18 -0.98 2.43
CA VAL A 245 -23.04 -1.93 3.11
C VAL A 245 -22.93 -3.27 2.40
N VAL A 246 -22.81 -4.35 3.18
CA VAL A 246 -22.66 -5.68 2.62
C VAL A 246 -24.01 -6.40 2.66
N TYR A 247 -24.41 -6.91 1.49
CA TYR A 247 -25.65 -7.63 1.31
C TYR A 247 -25.32 -9.07 0.89
N LYS A 248 -26.16 -10.01 1.32
CA LYS A 248 -26.18 -11.33 0.72
C LYS A 248 -27.16 -11.28 -0.45
N ALA A 249 -26.80 -11.95 -1.55
CA ALA A 249 -27.65 -11.97 -2.73
C ALA A 249 -27.41 -13.26 -3.53
N LYS A 250 -28.19 -13.43 -4.61
CA LYS A 250 -28.08 -14.59 -5.49
C LYS A 250 -28.17 -14.14 -6.93
N ASN A 251 -27.42 -14.79 -7.82
CA ASN A 251 -27.50 -14.54 -9.25
C ASN A 251 -28.71 -15.28 -9.82
N ARG A 252 -29.48 -14.61 -10.70
CA ARG A 252 -30.65 -15.20 -11.34
C ARG A 252 -30.21 -16.22 -12.38
N GLU A 253 -29.25 -15.81 -13.22
CA GLU A 253 -28.74 -16.64 -14.29
C GLU A 253 -28.04 -17.88 -13.70
N THR A 254 -27.14 -17.67 -12.72
CA THR A 254 -26.33 -18.76 -12.19
C THR A 254 -27.00 -19.41 -10.99
N GLY A 255 -27.73 -18.61 -10.19
CA GLY A 255 -28.28 -19.09 -8.93
C GLY A 255 -27.22 -19.12 -7.84
N GLN A 256 -26.02 -18.57 -8.14
CA GLN A 256 -24.89 -18.61 -7.22
C GLN A 256 -25.06 -17.52 -6.17
N LEU A 257 -24.53 -17.81 -4.98
CA LEU A 257 -24.62 -16.92 -3.85
C LEU A 257 -23.41 -15.97 -3.87
N VAL A 258 -23.66 -14.66 -3.68
CA VAL A 258 -22.62 -13.64 -3.75
C VAL A 258 -22.78 -12.71 -2.57
N ALA A 259 -21.71 -11.98 -2.24
CA ALA A 259 -21.79 -10.84 -1.35
C ALA A 259 -21.65 -9.56 -2.17
N LEU A 260 -22.40 -8.52 -1.78
CA LEU A 260 -22.44 -7.25 -2.51
C LEU A 260 -22.10 -6.13 -1.55
N LYS A 261 -20.95 -5.48 -1.77
CA LYS A 261 -20.58 -4.29 -1.04
C LYS A 261 -20.98 -3.10 -1.90
N LYS A 262 -21.98 -2.32 -1.43
CA LYS A 262 -22.57 -1.27 -2.25
C LYS A 262 -22.10 0.09 -1.76
N ILE A 263 -21.76 0.94 -2.73
CA ILE A 263 -21.40 2.34 -2.50
C ILE A 263 -22.46 3.19 -3.19
N ARG A 264 -22.92 4.23 -2.49
CA ARG A 264 -23.82 5.19 -3.08
C ARG A 264 -22.98 6.36 -3.58
N LEU A 265 -22.76 6.42 -4.90
CA LEU A 265 -21.91 7.44 -5.51
C LEU A 265 -22.57 8.81 -5.50
N ASP A 266 -23.89 8.84 -5.28
CA ASP A 266 -24.64 10.09 -5.15
C ASP A 266 -24.36 10.75 -3.80
N LEU A 267 -23.93 9.99 -2.78
CA LEU A 267 -23.69 10.55 -1.45
C LEU A 267 -22.21 10.80 -1.22
N GLU A 268 -21.37 10.75 -2.27
CA GLU A 268 -19.93 10.82 -2.12
C GLU A 268 -19.41 12.08 -2.82
N MET A 269 -19.12 13.14 -2.04
CA MET A 269 -18.66 14.43 -2.56
C MET A 269 -17.34 14.28 -3.33
N GLU A 270 -16.49 13.30 -2.95
CA GLU A 270 -15.15 13.15 -3.52
C GLU A 270 -15.07 11.97 -4.50
N GLY A 271 -16.21 11.49 -4.99
CA GLY A 271 -16.24 10.37 -5.92
C GLY A 271 -16.03 9.04 -5.20
N VAL A 272 -15.48 8.05 -5.92
CA VAL A 272 -15.18 6.76 -5.33
C VAL A 272 -14.25 6.97 -4.13
N PRO A 273 -14.62 6.47 -2.93
CA PRO A 273 -13.80 6.62 -1.74
C PRO A 273 -12.43 5.95 -1.86
N SER A 274 -11.43 6.60 -1.25
CA SER A 274 -10.08 6.08 -1.17
C SER A 274 -10.08 4.60 -0.76
N THR A 275 -10.85 4.29 0.29
CA THR A 275 -10.95 2.95 0.84
C THR A 275 -11.40 1.92 -0.21
N ALA A 276 -12.40 2.29 -1.02
CA ALA A 276 -12.92 1.43 -2.08
C ALA A 276 -11.91 1.27 -3.22
N ILE A 277 -11.29 2.38 -3.65
CA ILE A 277 -10.29 2.34 -4.71
C ILE A 277 -9.13 1.44 -4.29
N ARG A 278 -8.72 1.56 -3.03
CA ARG A 278 -7.66 0.72 -2.49
C ARG A 278 -8.09 -0.74 -2.49
N GLU A 279 -9.27 -1.05 -1.95
CA GLU A 279 -9.71 -2.44 -1.84
C GLU A 279 -9.81 -3.09 -3.23
N ILE A 280 -10.41 -2.41 -4.20
CA ILE A 280 -10.59 -2.98 -5.53
C ILE A 280 -9.23 -3.21 -6.17
N SER A 281 -8.35 -2.20 -6.09
CA SER A 281 -7.06 -2.27 -6.78
C SER A 281 -6.19 -3.37 -6.17
N LEU A 282 -6.28 -3.58 -4.85
CA LEU A 282 -5.51 -4.59 -4.15
C LEU A 282 -6.02 -5.99 -4.49
N LEU A 283 -7.35 -6.19 -4.41
CA LEU A 283 -7.92 -7.52 -4.54
C LEU A 283 -7.96 -7.97 -6.00
N LYS A 284 -7.73 -7.07 -6.95
CA LYS A 284 -7.53 -7.48 -8.34
C LYS A 284 -6.25 -8.29 -8.52
N GLU A 285 -5.24 -8.06 -7.66
CA GLU A 285 -3.92 -8.64 -7.82
C GLU A 285 -3.51 -9.43 -6.57
N LEU A 286 -4.46 -9.79 -5.73
CA LEU A 286 -4.13 -10.44 -4.47
C LEU A 286 -5.05 -11.65 -4.35
N LYS A 287 -4.56 -12.79 -4.79
CA LYS A 287 -5.37 -13.99 -4.92
C LYS A 287 -4.68 -15.14 -4.21
N HIS A 288 -5.42 -15.74 -3.27
CA HIS A 288 -4.84 -16.72 -2.36
C HIS A 288 -6.02 -17.45 -1.72
N PRO A 289 -5.90 -18.78 -1.47
CA PRO A 289 -6.95 -19.54 -0.80
C PRO A 289 -7.57 -18.89 0.45
N ASN A 290 -6.75 -18.16 1.20
CA ASN A 290 -7.19 -17.57 2.45
C ASN A 290 -7.40 -16.06 2.32
N ILE A 291 -7.68 -15.57 1.10
CA ILE A 291 -8.14 -14.19 0.92
C ILE A 291 -9.44 -14.24 0.13
N VAL A 292 -10.44 -13.49 0.61
CA VAL A 292 -11.72 -13.36 -0.08
C VAL A 292 -11.51 -12.92 -1.53
N ARG A 293 -12.31 -13.48 -2.45
CA ARG A 293 -12.20 -13.18 -3.88
C ARG A 293 -13.22 -12.11 -4.28
N LEU A 294 -12.73 -11.07 -4.96
CA LEU A 294 -13.58 -10.13 -5.67
C LEU A 294 -13.88 -10.73 -7.04
N LEU A 295 -15.15 -10.81 -7.43
CA LEU A 295 -15.56 -11.47 -8.67
C LEU A 295 -15.83 -10.44 -9.75
N ASP A 296 -16.34 -9.24 -9.37
CA ASP A 296 -16.74 -8.24 -10.35
C ASP A 296 -16.92 -6.88 -9.67
N VAL A 297 -16.83 -5.81 -10.46
CA VAL A 297 -17.13 -4.45 -10.03
C VAL A 297 -18.12 -3.86 -11.02
N VAL A 298 -19.28 -3.44 -10.53
CA VAL A 298 -20.37 -3.04 -11.41
C VAL A 298 -20.76 -1.60 -11.10
N HIS A 299 -20.88 -0.80 -12.17
CA HIS A 299 -21.27 0.59 -12.08
C HIS A 299 -22.60 0.75 -12.80
N ASN A 300 -23.66 0.95 -12.03
CA ASN A 300 -25.00 1.09 -12.58
C ASN A 300 -25.72 2.21 -11.84
N GLU A 301 -25.83 3.38 -12.48
CA GLU A 301 -26.49 4.55 -11.92
C GLU A 301 -25.46 5.33 -11.08
N ARG A 302 -25.93 5.95 -9.99
CA ARG A 302 -25.07 6.54 -8.99
C ARG A 302 -24.71 5.47 -7.95
N LYS A 303 -24.45 4.24 -8.40
CA LYS A 303 -24.15 3.13 -7.50
C LYS A 303 -22.95 2.32 -8.02
N LEU A 304 -22.08 1.92 -7.09
CA LEU A 304 -20.96 1.05 -7.40
C LEU A 304 -21.03 -0.19 -6.52
N TYR A 305 -21.00 -1.37 -7.15
CA TYR A 305 -21.13 -2.65 -6.46
C TYR A 305 -19.84 -3.45 -6.60
N LEU A 306 -19.23 -3.81 -5.46
CA LEU A 306 -18.19 -4.83 -5.44
C LEU A 306 -18.84 -6.19 -5.20
N VAL A 307 -18.68 -7.11 -6.15
CA VAL A 307 -19.25 -8.44 -6.03
C VAL A 307 -18.17 -9.41 -5.52
N PHE A 308 -18.44 -10.04 -4.37
CA PHE A 308 -17.50 -10.95 -3.75
C PHE A 308 -18.08 -12.37 -3.70
N GLU A 309 -17.21 -13.38 -3.72
CA GLU A 309 -17.60 -14.69 -3.24
C GLU A 309 -18.28 -14.53 -1.87
N PHE A 310 -19.33 -15.35 -1.62
CA PHE A 310 -20.08 -15.33 -0.38
C PHE A 310 -19.56 -16.42 0.56
N LEU A 311 -19.38 -16.07 1.84
CA LEU A 311 -19.11 -17.07 2.87
C LEU A 311 -20.15 -16.95 3.96
N SER A 312 -20.40 -18.08 4.63
CA SER A 312 -21.65 -18.27 5.37
C SER A 312 -21.54 -17.74 6.79
N GLN A 313 -20.32 -17.70 7.35
CA GLN A 313 -20.11 -17.25 8.71
C GLN A 313 -18.87 -16.37 8.78
N ASP A 314 -18.85 -15.46 9.75
CA ASP A 314 -17.63 -14.77 10.11
C ASP A 314 -17.26 -15.25 11.50
N LEU A 315 -15.99 -15.07 11.87
CA LEU A 315 -15.47 -15.70 13.08
C LEU A 315 -16.12 -15.07 14.31
N LYS A 316 -16.48 -13.78 14.25
CA LYS A 316 -17.10 -13.10 15.37
C LYS A 316 -18.45 -13.74 15.72
N LYS A 317 -19.31 -13.92 14.71
CA LYS A 317 -20.65 -14.44 14.88
C LYS A 317 -20.60 -15.93 15.19
N TYR A 318 -19.59 -16.65 14.69
CA TYR A 318 -19.44 -18.06 15.00
C TYR A 318 -19.16 -18.23 16.48
N MET A 319 -18.30 -17.36 17.01
CA MET A 319 -17.86 -17.45 18.40
C MET A 319 -18.92 -16.91 19.35
N ASP A 320 -19.89 -16.14 18.84
CA ASP A 320 -20.97 -15.60 19.65
C ASP A 320 -22.20 -16.53 19.63
N SER A 321 -22.15 -17.61 18.84
CA SER A 321 -23.30 -18.47 18.62
C SER A 321 -23.04 -19.91 19.08
N THR A 322 -21.82 -20.22 19.54
CA THR A 322 -21.41 -21.60 19.71
C THR A 322 -20.78 -21.80 21.08
N PRO A 323 -20.71 -23.06 21.59
CA PRO A 323 -19.90 -23.38 22.77
C PRO A 323 -18.43 -23.45 22.41
N GLY A 324 -17.57 -23.57 23.42
CA GLY A 324 -16.14 -23.76 23.22
C GLY A 324 -15.83 -25.01 22.42
N SER A 325 -16.67 -26.04 22.58
CA SER A 325 -16.54 -27.32 21.90
C SER A 325 -16.66 -27.17 20.38
N GLU A 326 -17.38 -26.13 19.92
CA GLU A 326 -17.49 -25.84 18.49
C GLU A 326 -16.24 -25.11 17.98
N LEU A 327 -15.35 -24.70 18.89
CA LEU A 327 -14.02 -24.22 18.52
C LEU A 327 -12.96 -25.05 19.26
N PRO A 328 -12.73 -26.32 18.86
CA PRO A 328 -11.71 -27.17 19.48
C PRO A 328 -10.28 -26.69 19.23
N LEU A 329 -9.34 -27.33 19.91
CA LEU A 329 -7.94 -26.92 19.88
C LEU A 329 -7.32 -27.16 18.51
N HIS A 330 -7.87 -28.11 17.75
CA HIS A 330 -7.34 -28.45 16.44
C HIS A 330 -7.87 -27.46 15.38
N LEU A 331 -9.07 -26.89 15.62
CA LEU A 331 -9.67 -25.94 14.70
C LEU A 331 -9.07 -24.54 14.91
N ILE A 332 -8.65 -24.25 16.13
CA ILE A 332 -7.91 -23.03 16.41
C ILE A 332 -6.56 -23.11 15.71
N LYS A 333 -5.91 -24.28 15.79
CA LYS A 333 -4.61 -24.45 15.16
C LYS A 333 -4.73 -24.28 13.64
N SER A 334 -5.74 -24.87 13.00
CA SER A 334 -5.88 -24.80 11.55
C SER A 334 -6.35 -23.40 11.13
N TYR A 335 -7.19 -22.76 11.94
CA TYR A 335 -7.59 -21.39 11.68
C TYR A 335 -6.40 -20.45 11.74
N LEU A 336 -5.56 -20.55 12.79
CA LEU A 336 -4.40 -19.68 12.93
C LEU A 336 -3.36 -19.89 11.83
N PHE A 337 -3.16 -21.15 11.41
CA PHE A 337 -2.21 -21.47 10.37
C PHE A 337 -2.61 -20.77 9.06
N GLN A 338 -3.91 -20.82 8.74
CA GLN A 338 -4.46 -20.26 7.51
C GLN A 338 -4.38 -18.73 7.51
N LEU A 339 -4.55 -18.14 8.70
CA LEU A 339 -4.53 -16.70 8.89
C LEU A 339 -3.13 -16.16 8.62
N LEU A 340 -2.14 -16.94 9.09
CA LEU A 340 -0.74 -16.61 8.92
C LEU A 340 -0.34 -16.76 7.45
N GLN A 341 -0.87 -17.78 6.76
CA GLN A 341 -0.56 -17.97 5.36
C GLN A 341 -1.12 -16.82 4.52
N GLY A 342 -2.34 -16.37 4.85
CA GLY A 342 -2.98 -15.24 4.22
C GLY A 342 -2.23 -13.92 4.45
N VAL A 343 -1.83 -13.68 5.70
CA VAL A 343 -1.15 -12.46 6.11
C VAL A 343 0.27 -12.43 5.54
N SER A 344 0.93 -13.58 5.52
CA SER A 344 2.28 -13.75 4.99
C SER A 344 2.30 -13.48 3.49
N PHE A 345 1.27 -13.97 2.79
CA PHE A 345 1.09 -13.71 1.38
C PHE A 345 0.94 -12.21 1.13
N CYS A 346 0.13 -11.54 1.95
CA CYS A 346 -0.06 -10.10 1.89
C CYS A 346 1.24 -9.34 2.09
N HIS A 347 2.01 -9.71 3.11
CA HIS A 347 3.21 -8.97 3.44
C HIS A 347 4.25 -9.12 2.31
N SER A 348 4.28 -10.31 1.68
CA SER A 348 5.20 -10.60 0.59
C SER A 348 4.75 -9.89 -0.68
N HIS A 349 3.46 -9.53 -0.77
CA HIS A 349 2.92 -8.72 -1.84
C HIS A 349 2.91 -7.25 -1.46
N ARG A 350 3.50 -6.93 -0.29
CA ARG A 350 3.69 -5.57 0.17
C ARG A 350 2.33 -4.91 0.42
N VAL A 351 1.52 -5.59 1.26
CA VAL A 351 0.21 -5.10 1.66
C VAL A 351 0.09 -5.32 3.17
N ILE A 352 -0.42 -4.31 3.88
CA ILE A 352 -0.80 -4.45 5.28
C ILE A 352 -2.31 -4.24 5.41
N HIS A 353 -2.97 -5.16 6.12
CA HIS A 353 -4.43 -5.15 6.29
C HIS A 353 -4.86 -3.96 7.14
N ARG A 354 -4.16 -3.79 8.28
CA ARG A 354 -4.41 -2.74 9.25
C ARG A 354 -5.83 -2.78 9.80
N ASP A 355 -6.47 -3.96 9.81
CA ASP A 355 -7.75 -4.11 10.49
C ASP A 355 -8.11 -5.60 10.60
N LEU A 356 -7.22 -6.38 11.23
CA LEU A 356 -7.48 -7.80 11.39
C LEU A 356 -8.20 -8.03 12.71
N LYS A 357 -9.43 -8.48 12.60
CA LYS A 357 -10.28 -8.72 13.75
C LYS A 357 -11.25 -9.82 13.35
N PRO A 358 -11.82 -10.56 14.32
CA PRO A 358 -12.71 -11.68 14.01
C PRO A 358 -13.88 -11.41 13.08
N GLN A 359 -14.40 -10.17 13.03
CA GLN A 359 -15.53 -9.85 12.15
C GLN A 359 -15.11 -9.87 10.68
N ASN A 360 -13.81 -9.61 10.43
CA ASN A 360 -13.28 -9.55 9.07
C ASN A 360 -12.72 -10.90 8.63
N LEU A 361 -12.93 -11.95 9.43
CA LEU A 361 -12.44 -13.29 9.11
C LEU A 361 -13.63 -14.17 8.76
N LEU A 362 -13.72 -14.53 7.47
CA LEU A 362 -14.87 -15.28 6.96
C LEU A 362 -14.54 -16.77 6.97
N ILE A 363 -15.50 -17.59 7.42
CA ILE A 363 -15.31 -19.02 7.49
C ILE A 363 -16.37 -19.72 6.65
N ASN A 364 -15.97 -20.75 5.89
CA ASN A 364 -16.91 -21.57 5.13
C ASN A 364 -17.22 -22.81 5.97
N GLU A 365 -18.01 -23.73 5.40
CA GLU A 365 -18.47 -24.90 6.13
C GLU A 365 -17.45 -26.04 6.00
N LEU A 366 -16.44 -25.89 5.13
CA LEU A 366 -15.44 -26.94 4.91
C LEU A 366 -14.25 -26.83 5.86
N GLY A 367 -14.06 -25.66 6.49
CA GLY A 367 -12.99 -25.46 7.46
C GLY A 367 -11.95 -24.44 7.01
N ALA A 368 -12.25 -23.69 5.94
CA ALA A 368 -11.42 -22.61 5.43
C ALA A 368 -11.76 -21.31 6.16
N ILE A 369 -10.72 -20.48 6.35
CA ILE A 369 -10.86 -19.13 6.87
C ILE A 369 -10.15 -18.17 5.90
N LYS A 370 -10.84 -17.08 5.55
CA LYS A 370 -10.35 -16.09 4.60
C LYS A 370 -10.34 -14.70 5.25
N LEU A 371 -9.32 -13.90 4.95
CA LEU A 371 -9.27 -12.49 5.31
C LEU A 371 -10.17 -11.70 4.38
N ALA A 372 -10.95 -10.77 4.93
CA ALA A 372 -11.82 -9.90 4.15
C ALA A 372 -11.68 -8.45 4.63
N ASP A 373 -12.33 -7.55 3.88
CA ASP A 373 -12.41 -6.12 4.15
C ASP A 373 -11.01 -5.50 4.10
N PHE A 374 -10.55 -5.18 2.88
CA PHE A 374 -9.27 -4.56 2.65
C PHE A 374 -9.44 -3.06 2.42
N GLY A 375 -10.55 -2.50 2.92
CA GLY A 375 -10.80 -1.07 2.83
C GLY A 375 -9.85 -0.23 3.68
N LEU A 376 -9.32 -0.81 4.77
CA LEU A 376 -8.34 -0.13 5.61
C LEU A 376 -6.90 -0.59 5.30
N ALA A 377 -6.67 -1.25 4.16
CA ALA A 377 -5.35 -1.75 3.84
C ALA A 377 -4.58 -0.73 3.00
N ARG A 378 -3.28 -0.98 2.87
CA ARG A 378 -2.38 -0.11 2.12
C ARG A 378 -1.30 -0.99 1.49
N ALA A 379 -1.01 -0.74 0.22
CA ALA A 379 0.23 -1.21 -0.37
C ALA A 379 1.36 -0.35 0.20
N PHE A 380 2.42 -0.99 0.70
CA PHE A 380 3.51 -0.22 1.27
C PHE A 380 4.71 -0.30 0.32
N GLY A 381 5.57 0.72 0.42
CA GLY A 381 6.85 0.71 -0.29
C GLY A 381 7.95 0.05 0.54
N VAL A 382 9.01 -0.42 -0.13
CA VAL A 382 10.21 -0.87 0.54
C VAL A 382 11.35 0.07 0.15
N PRO A 383 11.90 0.91 1.08
CA PRO A 383 11.40 1.09 2.44
C PRO A 383 10.10 1.89 2.51
N LEU A 384 9.46 1.89 3.68
CA LEU A 384 8.16 2.51 3.79
C LEU A 384 8.27 3.93 4.37
N ARG A 385 7.19 4.68 4.16
CA ARG A 385 7.05 6.06 4.55
C ARG A 385 6.13 6.06 5.77
N THR A 386 5.90 7.23 6.37
CA THR A 386 4.90 7.39 7.42
C THR A 386 3.48 7.38 6.82
N TYR A 387 2.60 6.53 7.38
CA TYR A 387 1.23 6.40 6.91
C TYR A 387 0.26 6.79 8.02
N TPO A 388 -1.04 6.77 7.72
CA TPO A 388 -2.11 7.12 8.66
CB TPO A 388 -3.46 6.61 8.12
CG2 TPO A 388 -4.63 7.08 8.95
OG1 TPO A 388 -3.66 7.10 6.75
P TPO A 388 -3.61 6.07 5.49
O1P TPO A 388 -2.28 5.32 5.66
O2P TPO A 388 -4.80 5.15 5.63
O3P TPO A 388 -3.65 6.96 4.25
C TPO A 388 -1.89 6.53 10.05
O TPO A 388 -1.51 5.37 10.19
N HIS A 389 -2.18 7.33 11.09
CA HIS A 389 -2.00 6.90 12.47
C HIS A 389 -3.32 6.39 13.02
N GLU A 390 -3.27 5.82 14.22
CA GLU A 390 -4.47 5.36 14.90
C GLU A 390 -5.30 4.56 13.89
N VAL A 391 -4.65 3.50 13.38
CA VAL A 391 -5.27 2.52 12.52
C VAL A 391 -5.46 1.25 13.36
N VAL A 392 -6.34 0.36 12.87
CA VAL A 392 -6.65 -0.90 13.51
C VAL A 392 -7.67 -0.64 14.63
N THR A 393 -8.70 -1.49 14.69
CA THR A 393 -9.70 -1.44 15.75
C THR A 393 -9.00 -1.51 17.09
N LEU A 394 -9.46 -0.67 18.03
CA LEU A 394 -8.70 -0.36 19.24
C LEU A 394 -8.25 -1.65 19.93
N TRP A 395 -9.16 -2.63 20.07
CA TRP A 395 -8.87 -3.85 20.83
C TRP A 395 -7.70 -4.63 20.25
N TYR A 396 -7.46 -4.51 18.93
CA TYR A 396 -6.50 -5.34 18.23
C TYR A 396 -5.31 -4.49 17.80
N ARG A 397 -5.25 -3.26 18.34
CA ARG A 397 -4.25 -2.29 17.94
C ARG A 397 -2.96 -2.52 18.73
N ALA A 398 -1.84 -2.44 17.98
CA ALA A 398 -0.51 -2.70 18.50
C ALA A 398 -0.03 -1.51 19.34
N PRO A 399 0.80 -1.74 20.39
CA PRO A 399 1.24 -0.66 21.27
C PRO A 399 2.16 0.39 20.63
N GLU A 400 2.85 0.05 19.53
CA GLU A 400 3.66 1.04 18.85
C GLU A 400 2.78 2.08 18.14
N ILE A 401 1.56 1.70 17.77
CA ILE A 401 0.60 2.66 17.24
C ILE A 401 0.00 3.48 18.38
N LEU A 402 -0.22 2.87 19.55
CA LEU A 402 -0.80 3.56 20.68
C LEU A 402 0.19 4.59 21.24
N LEU A 403 1.50 4.32 21.12
CA LEU A 403 2.50 5.26 21.60
C LEU A 403 2.90 6.26 20.53
N GLY A 404 2.18 6.29 19.40
CA GLY A 404 2.29 7.36 18.43
C GLY A 404 3.60 7.30 17.62
N SER A 405 4.14 6.09 17.44
CA SER A 405 5.35 5.89 16.66
CA SER A 405 5.35 5.90 16.65
C SER A 405 5.13 6.39 15.22
N LYS A 406 6.16 7.06 14.69
CA LYS A 406 6.13 7.64 13.35
C LYS A 406 5.97 6.56 12.26
N PHE A 407 6.75 5.49 12.41
CA PHE A 407 6.75 4.38 11.45
C PHE A 407 6.17 3.16 12.14
N TYR A 408 5.22 2.50 11.47
CA TYR A 408 4.76 1.17 11.83
C TYR A 408 4.94 0.29 10.59
N THR A 409 5.18 -1.00 10.82
CA THR A 409 5.40 -1.94 9.73
C THR A 409 4.34 -3.04 9.76
N THR A 410 4.67 -4.17 9.12
CA THR A 410 3.79 -5.32 9.01
C THR A 410 3.55 -6.01 10.35
N ALA A 411 4.34 -5.61 11.37
CA ALA A 411 4.24 -6.13 12.71
C ALA A 411 2.89 -5.80 13.36
N VAL A 412 2.22 -4.70 12.95
CA VAL A 412 0.92 -4.36 13.49
C VAL A 412 -0.11 -5.45 13.17
N ASP A 413 0.04 -6.08 11.99
CA ASP A 413 -0.81 -7.18 11.59
C ASP A 413 -0.55 -8.42 12.44
N ILE A 414 0.66 -8.55 12.96
CA ILE A 414 1.02 -9.71 13.76
C ILE A 414 0.50 -9.59 15.19
N TRP A 415 0.43 -8.35 15.72
CA TRP A 415 -0.19 -8.11 17.02
C TRP A 415 -1.64 -8.55 17.02
N SER A 416 -2.41 -8.09 16.01
CA SER A 416 -3.81 -8.42 15.86
C SER A 416 -4.01 -9.94 15.87
N ILE A 417 -3.11 -10.65 15.17
CA ILE A 417 -3.24 -12.08 15.04
C ILE A 417 -3.06 -12.74 16.41
N GLY A 418 -2.11 -12.23 17.21
CA GLY A 418 -1.91 -12.73 18.56
C GLY A 418 -3.13 -12.49 19.45
N CYS A 419 -3.78 -11.33 19.25
CA CYS A 419 -4.97 -10.97 19.99
C CYS A 419 -6.15 -11.88 19.62
N ILE A 420 -6.27 -12.20 18.33
CA ILE A 420 -7.31 -13.08 17.80
C ILE A 420 -7.06 -14.52 18.26
N PHE A 421 -5.80 -14.97 18.25
CA PHE A 421 -5.40 -16.30 18.69
C PHE A 421 -5.87 -16.54 20.13
N ALA A 422 -5.50 -15.61 21.02
CA ALA A 422 -5.90 -15.67 22.42
C ALA A 422 -7.41 -15.61 22.58
N GLU A 423 -8.06 -14.72 21.82
CA GLU A 423 -9.51 -14.60 21.85
C GLU A 423 -10.22 -15.90 21.46
N MET A 424 -9.61 -16.70 20.59
CA MET A 424 -10.20 -17.95 20.11
C MET A 424 -10.16 -19.00 21.22
N VAL A 425 -9.09 -18.95 22.01
CA VAL A 425 -8.81 -19.92 23.06
C VAL A 425 -9.59 -19.56 24.33
N THR A 426 -9.81 -18.26 24.57
CA THR A 426 -10.41 -17.76 25.79
C THR A 426 -11.89 -17.45 25.57
N ARG A 427 -12.31 -17.41 24.30
CA ARG A 427 -13.69 -17.09 23.94
C ARG A 427 -14.05 -15.63 24.24
N LYS A 428 -13.07 -14.81 24.65
CA LYS A 428 -13.33 -13.39 24.85
C LYS A 428 -12.10 -12.58 24.43
N ALA A 429 -12.30 -11.27 24.21
CA ALA A 429 -11.24 -10.37 23.79
C ALA A 429 -10.15 -10.31 24.84
N LEU A 430 -8.89 -10.27 24.38
CA LEU A 430 -7.73 -10.27 25.25
C LEU A 430 -7.57 -8.90 25.92
N PHE A 431 -7.73 -7.81 25.16
CA PHE A 431 -7.56 -6.46 25.67
C PHE A 431 -8.78 -5.62 25.31
N PRO A 432 -9.88 -5.68 26.09
CA PRO A 432 -11.10 -4.92 25.80
C PRO A 432 -11.07 -3.51 26.37
N GLY A 433 -10.30 -2.62 25.75
CA GLY A 433 -10.09 -1.27 26.24
C GLY A 433 -11.20 -0.30 25.85
N ASP A 434 -11.32 0.81 26.62
CA ASP A 434 -12.32 1.84 26.42
C ASP A 434 -11.71 3.08 25.76
N SER A 435 -10.40 3.26 25.93
CA SER A 435 -9.67 4.40 25.39
C SER A 435 -8.31 3.93 24.89
N GLU A 436 -7.52 4.83 24.29
CA GLU A 436 -6.14 4.51 23.92
C GLU A 436 -5.31 4.22 25.18
N ILE A 437 -5.59 4.92 26.28
CA ILE A 437 -4.79 4.79 27.50
C ILE A 437 -5.25 3.56 28.28
N ASP A 438 -6.55 3.25 28.25
CA ASP A 438 -7.06 2.05 28.89
C ASP A 438 -6.49 0.82 28.17
N GLN A 439 -6.55 0.86 26.83
CA GLN A 439 -5.99 -0.17 25.97
C GLN A 439 -4.53 -0.42 26.36
N LEU A 440 -3.75 0.66 26.50
CA LEU A 440 -2.32 0.57 26.76
C LEU A 440 -2.05 0.06 28.18
N PHE A 441 -2.97 0.28 29.12
CA PHE A 441 -2.78 -0.16 30.50
C PHE A 441 -3.15 -1.64 30.65
N ARG A 442 -4.20 -2.08 29.95
CA ARG A 442 -4.57 -3.49 29.93
C ARG A 442 -3.41 -4.35 29.42
N ILE A 443 -2.70 -3.85 28.38
CA ILE A 443 -1.57 -4.55 27.78
C ILE A 443 -0.42 -4.62 28.78
N PHE A 444 -0.11 -3.49 29.42
CA PHE A 444 0.98 -3.41 30.37
C PHE A 444 0.73 -4.29 31.60
N ARG A 445 -0.54 -4.32 32.06
CA ARG A 445 -0.91 -5.14 33.22
C ARG A 445 -0.52 -6.60 33.01
N MET A 446 -0.68 -7.10 31.78
CA MET A 446 -0.50 -8.52 31.51
C MET A 446 0.90 -8.84 31.00
N LEU A 447 1.47 -7.94 30.18
CA LEU A 447 2.76 -8.19 29.57
C LEU A 447 3.88 -7.52 30.37
N GLY A 448 3.48 -6.60 31.26
CA GLY A 448 4.45 -5.80 32.00
C GLY A 448 4.62 -4.44 31.36
N THR A 449 5.01 -3.43 32.14
CA THR A 449 5.24 -2.11 31.60
C THR A 449 6.58 -2.14 30.86
N PRO A 450 6.66 -1.67 29.59
CA PRO A 450 7.89 -1.79 28.81
C PRO A 450 8.96 -0.79 29.25
N SER A 451 10.22 -1.23 29.18
CA SER A 451 11.37 -0.43 29.54
C SER A 451 12.35 -0.41 28.37
N GLU A 452 13.31 0.52 28.42
CA GLU A 452 14.38 0.59 27.44
C GLU A 452 15.09 -0.75 27.29
N ASP A 453 14.96 -1.65 28.28
CA ASP A 453 15.61 -2.95 28.28
C ASP A 453 14.78 -3.96 27.50
N THR A 454 13.45 -3.89 27.65
CA THR A 454 12.53 -4.79 26.95
C THR A 454 12.22 -4.25 25.54
N TRP A 455 12.22 -2.92 25.40
CA TRP A 455 11.82 -2.25 24.17
C TRP A 455 12.67 -0.99 23.98
N PRO A 456 13.89 -1.14 23.41
CA PRO A 456 14.78 -0.01 23.14
C PRO A 456 14.16 1.12 22.33
N GLY A 457 14.15 2.31 22.94
CA GLY A 457 13.67 3.52 22.29
C GLY A 457 12.24 3.88 22.73
N VAL A 458 11.63 3.05 23.59
CA VAL A 458 10.22 3.17 23.90
C VAL A 458 9.94 4.49 24.60
N THR A 459 10.94 4.98 25.35
CA THR A 459 10.84 6.22 26.11
C THR A 459 10.86 7.43 25.18
N GLN A 460 11.51 7.28 24.01
CA GLN A 460 11.59 8.34 23.02
C GLN A 460 10.36 8.36 22.11
N LEU A 461 9.29 7.65 22.48
CA LEU A 461 8.11 7.53 21.62
C LEU A 461 7.13 8.65 21.96
N PRO A 462 6.50 9.30 20.94
CA PRO A 462 5.66 10.48 21.16
C PRO A 462 4.68 10.52 22.33
N ASP A 463 4.02 9.40 22.63
CA ASP A 463 2.98 9.39 23.65
C ASP A 463 3.40 8.55 24.86
N TYR A 464 4.71 8.28 25.00
CA TYR A 464 5.24 7.62 26.18
C TYR A 464 5.35 8.62 27.34
N LYS A 465 5.11 8.11 28.57
CA LYS A 465 5.14 8.93 29.77
C LYS A 465 5.77 8.13 30.91
N GLY A 466 6.77 8.74 31.58
CA GLY A 466 7.34 8.19 32.79
C GLY A 466 6.29 8.00 33.89
N SER A 467 5.23 8.82 33.82
CA SER A 467 4.05 8.75 34.67
C SER A 467 3.40 7.36 34.67
N PHE A 468 3.74 6.50 33.72
CA PHE A 468 3.09 5.21 33.58
C PHE A 468 3.38 4.33 34.79
N PRO A 469 2.37 3.60 35.34
CA PRO A 469 2.62 2.57 36.35
C PRO A 469 3.66 1.59 35.81
N LYS A 470 4.27 0.79 36.71
CA LYS A 470 5.30 -0.18 36.32
C LYS A 470 4.84 -1.57 36.76
N TRP A 471 3.85 -2.12 36.04
CA TRP A 471 3.37 -3.48 36.25
C TRP A 471 4.44 -4.48 35.85
N THR A 472 4.19 -5.77 36.11
CA THR A 472 5.13 -6.83 35.74
C THR A 472 4.38 -7.98 35.04
N ARG A 473 5.12 -8.76 34.22
CA ARG A 473 4.57 -9.84 33.40
C ARG A 473 3.72 -10.79 34.24
N LYS A 474 2.48 -11.01 33.83
CA LYS A 474 1.68 -12.11 34.36
C LYS A 474 2.00 -13.35 33.54
N GLY A 475 1.86 -14.53 34.16
CA GLY A 475 2.11 -15.80 33.48
C GLY A 475 1.00 -16.10 32.49
N LEU A 476 1.39 -16.51 31.27
CA LEU A 476 0.44 -16.78 30.19
C LEU A 476 -0.27 -18.11 30.44
N GLU A 477 0.37 -18.96 31.25
CA GLU A 477 -0.17 -20.26 31.61
C GLU A 477 -1.52 -20.08 32.31
N GLU A 478 -1.73 -18.89 32.90
CA GLU A 478 -2.91 -18.60 33.69
C GLU A 478 -4.00 -17.92 32.84
N ILE A 479 -3.61 -17.30 31.73
CA ILE A 479 -4.55 -16.68 30.80
C ILE A 479 -5.13 -17.76 29.89
N VAL A 480 -4.24 -18.66 29.41
CA VAL A 480 -4.59 -19.66 28.40
C VAL A 480 -4.11 -21.03 28.89
N PRO A 481 -4.74 -21.60 29.95
CA PRO A 481 -4.31 -22.89 30.50
C PRO A 481 -4.54 -24.12 29.61
N ASN A 482 -5.60 -24.11 28.79
CA ASN A 482 -5.93 -25.24 27.93
C ASN A 482 -5.01 -25.32 26.71
N LEU A 483 -4.25 -24.25 26.46
CA LEU A 483 -3.35 -24.19 25.32
C LEU A 483 -2.07 -24.97 25.62
N GLU A 484 -1.58 -25.70 24.61
CA GLU A 484 -0.40 -26.54 24.78
C GLU A 484 0.83 -25.65 24.99
N PRO A 485 1.95 -26.21 25.52
CA PRO A 485 3.17 -25.43 25.75
C PRO A 485 3.67 -24.62 24.55
N GLU A 486 3.80 -25.29 23.40
CA GLU A 486 4.38 -24.72 22.19
C GLU A 486 3.49 -23.61 21.63
N GLY A 487 2.17 -23.71 21.88
CA GLY A 487 1.22 -22.70 21.44
C GLY A 487 1.27 -21.45 22.30
N ARG A 488 1.61 -21.63 23.59
CA ARG A 488 1.78 -20.52 24.51
C ARG A 488 3.09 -19.80 24.20
N ASP A 489 4.07 -20.53 23.63
CA ASP A 489 5.29 -19.90 23.14
C ASP A 489 5.00 -19.02 21.92
N LEU A 490 4.10 -19.49 21.03
CA LEU A 490 3.78 -18.75 19.83
C LEU A 490 3.09 -17.44 20.20
N LEU A 491 2.09 -17.53 21.10
CA LEU A 491 1.32 -16.36 21.52
C LEU A 491 2.23 -15.32 22.17
N MET A 492 3.25 -15.77 22.90
CA MET A 492 4.16 -14.86 23.56
C MET A 492 4.97 -14.11 22.50
N GLN A 493 5.35 -14.81 21.43
CA GLN A 493 6.15 -14.23 20.37
C GLN A 493 5.34 -13.30 19.45
N LEU A 494 4.04 -13.59 19.29
CA LEU A 494 3.13 -12.76 18.52
C LEU A 494 2.86 -11.44 19.22
N LEU A 495 2.90 -11.45 20.56
CA LEU A 495 2.52 -10.32 21.38
C LEU A 495 3.75 -9.75 22.09
N GLN A 496 4.87 -9.60 21.35
CA GLN A 496 6.04 -8.88 21.82
C GLN A 496 5.80 -7.38 21.63
N TYR A 497 6.13 -6.59 22.66
CA TYR A 497 6.00 -5.13 22.67
C TYR A 497 6.80 -4.48 21.54
N ASP A 498 8.08 -4.85 21.53
CA ASP A 498 9.04 -4.28 20.60
C ASP A 498 8.69 -4.86 19.23
N PRO A 499 8.19 -4.04 18.29
CA PRO A 499 7.87 -4.53 16.95
C PRO A 499 9.04 -5.10 16.16
N SER A 500 10.28 -4.79 16.58
CA SER A 500 11.48 -5.32 15.94
C SER A 500 11.78 -6.74 16.42
N GLN A 501 11.37 -7.05 17.66
CA GLN A 501 11.55 -8.38 18.21
C GLN A 501 10.30 -9.25 17.99
N ARG A 502 9.35 -8.79 17.16
CA ARG A 502 8.10 -9.51 16.99
C ARG A 502 8.28 -10.46 15.82
N ILE A 503 7.79 -11.69 16.01
CA ILE A 503 7.90 -12.75 15.02
C ILE A 503 7.14 -12.27 13.79
N THR A 504 7.52 -12.81 12.64
CA THR A 504 6.83 -12.52 11.39
C THR A 504 5.87 -13.66 11.10
N ALA A 505 4.99 -13.46 10.12
CA ALA A 505 4.05 -14.50 9.72
C ALA A 505 4.81 -15.69 9.15
N LYS A 506 5.88 -15.42 8.40
CA LYS A 506 6.65 -16.47 7.74
C LYS A 506 7.37 -17.31 8.79
N THR A 507 7.94 -16.66 9.80
CA THR A 507 8.64 -17.38 10.85
C THR A 507 7.64 -18.16 11.70
N ALA A 508 6.45 -17.59 11.91
CA ALA A 508 5.40 -18.19 12.73
C ALA A 508 4.90 -19.50 12.14
N LEU A 509 4.90 -19.60 10.80
CA LEU A 509 4.42 -20.78 10.09
C LEU A 509 5.40 -21.94 10.27
N ALA A 510 6.67 -21.60 10.54
CA ALA A 510 7.70 -22.59 10.81
C ALA A 510 7.73 -22.96 12.30
N HIS A 511 6.78 -22.47 13.11
CA HIS A 511 6.84 -22.69 14.54
C HIS A 511 6.53 -24.16 14.83
N PRO A 512 7.19 -24.78 15.83
CA PRO A 512 6.85 -26.13 16.29
C PRO A 512 5.38 -26.46 16.63
N TYR A 513 4.60 -25.43 17.00
CA TYR A 513 3.17 -25.57 17.29
C TYR A 513 2.45 -26.28 16.15
N PHE A 514 2.83 -25.95 14.92
CA PHE A 514 2.17 -26.46 13.73
C PHE A 514 2.78 -27.78 13.26
N SER A 515 3.83 -28.27 13.94
CA SER A 515 4.37 -29.61 13.73
C SER A 515 4.04 -30.48 14.93
N SER A 516 2.75 -30.53 15.32
CA SER A 516 2.33 -31.21 16.54
C SER A 516 3.02 -30.58 17.76
N GLY B 29 19.27 -13.06 -8.24
CA GLY B 29 18.42 -11.98 -8.78
C GLY B 29 18.22 -10.84 -7.80
N SER B 30 17.88 -11.19 -6.54
CA SER B 30 17.49 -10.22 -5.52
C SER B 30 18.69 -9.39 -5.06
N PRO B 31 18.66 -8.04 -5.22
CA PRO B 31 19.66 -7.15 -4.61
C PRO B 31 19.37 -6.94 -3.13
N LEU B 32 18.21 -7.44 -2.67
CA LEU B 32 17.74 -7.22 -1.32
C LEU B 32 18.52 -8.11 -0.36
N PRO B 33 18.63 -7.72 0.92
CA PRO B 33 19.27 -8.57 1.94
C PRO B 33 18.33 -9.70 2.32
N VAL B 34 18.73 -10.52 3.30
CA VAL B 34 17.81 -11.50 3.87
C VAL B 34 16.74 -10.74 4.65
N LEU B 35 15.48 -11.16 4.46
CA LEU B 35 14.32 -10.56 5.10
C LEU B 35 13.77 -11.54 6.13
N SER B 36 13.35 -11.01 7.30
CA SER B 36 12.70 -11.81 8.31
C SER B 36 11.24 -12.09 7.91
N TRP B 37 10.61 -11.08 7.26
CA TRP B 37 9.16 -11.03 7.07
C TRP B 37 8.74 -11.73 5.78
N ALA B 38 9.70 -12.16 4.97
CA ALA B 38 9.39 -12.79 3.68
C ALA B 38 10.66 -13.40 3.10
N ASN B 39 10.51 -14.16 2.01
CA ASN B 39 11.66 -14.63 1.27
C ASN B 39 12.09 -13.52 0.32
N ARG B 40 13.40 -13.22 0.31
CA ARG B 40 13.98 -12.13 -0.48
C ARG B 40 13.75 -12.34 -1.98
N GLU B 41 13.96 -13.58 -2.45
CA GLU B 41 13.90 -13.91 -3.87
C GLU B 41 12.45 -13.84 -4.36
N GLU B 42 11.52 -14.25 -3.49
CA GLU B 42 10.11 -14.28 -3.79
C GLU B 42 9.57 -12.84 -3.86
N VAL B 43 9.96 -11.98 -2.90
CA VAL B 43 9.56 -10.58 -2.86
C VAL B 43 10.03 -9.88 -4.13
N TRP B 44 11.25 -10.21 -4.56
CA TRP B 44 11.85 -9.62 -5.75
C TRP B 44 11.23 -10.18 -7.05
N LYS B 45 10.74 -11.42 -7.02
CA LYS B 45 10.13 -12.02 -8.19
C LYS B 45 8.77 -11.39 -8.41
N ILE B 46 8.01 -11.30 -7.30
CA ILE B 46 6.68 -10.72 -7.28
C ILE B 46 6.72 -9.32 -7.90
N MET B 47 7.77 -8.56 -7.57
CA MET B 47 7.99 -7.20 -8.05
C MET B 47 8.30 -7.16 -9.55
N LEU B 48 9.13 -8.10 -10.02
CA LEU B 48 9.47 -8.15 -11.44
C LEU B 48 8.27 -8.61 -12.28
N ASN B 49 7.41 -9.48 -11.74
CA ASN B 49 6.23 -9.93 -12.49
C ASN B 49 5.26 -8.76 -12.65
N LYS B 50 5.17 -7.91 -11.62
CA LYS B 50 4.32 -6.74 -11.68
C LYS B 50 4.70 -5.89 -12.89
N GLU B 51 6.00 -5.59 -13.01
CA GLU B 51 6.53 -4.80 -14.12
C GLU B 51 6.05 -5.34 -15.47
N LYS B 52 5.91 -6.66 -15.62
CA LYS B 52 5.50 -7.28 -16.87
C LYS B 52 3.98 -7.21 -17.07
N THR B 53 3.22 -7.29 -15.98
CA THR B 53 1.77 -7.22 -16.01
C THR B 53 1.25 -5.82 -16.37
N TYR B 54 1.98 -4.78 -15.94
CA TYR B 54 1.65 -3.39 -16.26
C TYR B 54 2.41 -2.99 -17.52
N LEU B 55 1.68 -2.72 -18.60
CA LEU B 55 2.31 -2.60 -19.91
C LEU B 55 2.21 -1.18 -20.43
N ARG B 56 3.33 -0.67 -20.95
CA ARG B 56 3.42 0.71 -21.43
C ARG B 56 3.86 0.69 -22.88
N ASP B 57 3.30 1.62 -23.68
CA ASP B 57 3.62 1.74 -25.10
C ASP B 57 4.19 3.14 -25.39
N GLN B 58 5.43 3.18 -25.88
CA GLN B 58 6.07 4.42 -26.26
CA GLN B 58 6.08 4.41 -26.27
C GLN B 58 5.41 5.02 -27.50
N HIS B 59 4.54 4.26 -28.19
CA HIS B 59 3.95 4.71 -29.45
C HIS B 59 2.47 5.02 -29.34
N PHE B 60 1.93 5.14 -28.11
CA PHE B 60 0.50 5.23 -27.86
C PHE B 60 -0.11 6.47 -28.49
N LEU B 61 0.70 7.49 -28.80
CA LEU B 61 0.20 8.73 -29.35
C LEU B 61 -0.03 8.60 -30.86
N GLU B 62 0.29 7.44 -31.43
CA GLU B 62 -0.07 7.12 -32.81
C GLU B 62 -1.56 6.77 -32.91
N GLN B 63 -2.20 6.43 -31.80
CA GLN B 63 -3.64 6.25 -31.73
C GLN B 63 -4.37 7.59 -31.62
N HIS B 64 -3.63 8.66 -31.30
CA HIS B 64 -4.17 10.01 -31.24
C HIS B 64 -3.35 10.83 -32.24
N PRO B 65 -3.60 10.64 -33.54
CA PRO B 65 -2.66 11.11 -34.57
C PRO B 65 -2.39 12.61 -34.64
N LEU B 66 -3.29 13.47 -34.09
CA LEU B 66 -3.06 14.91 -34.16
C LEU B 66 -2.53 15.48 -32.83
N LEU B 67 -2.16 14.62 -31.89
CA LEU B 67 -1.49 15.03 -30.66
C LEU B 67 0.02 14.91 -30.85
N GLN B 68 0.79 15.85 -30.27
CA GLN B 68 2.24 15.80 -30.35
C GLN B 68 2.81 15.43 -28.98
N PRO B 69 4.02 14.82 -28.90
CA PRO B 69 4.63 14.54 -27.62
C PRO B 69 4.81 15.74 -26.70
N LYS B 70 4.93 16.95 -27.26
CA LYS B 70 5.09 18.16 -26.47
C LYS B 70 3.85 18.42 -25.61
N MET B 71 2.70 18.00 -26.12
CA MET B 71 1.45 18.14 -25.39
C MET B 71 1.46 17.34 -24.08
N ARG B 72 1.98 16.11 -24.12
CA ARG B 72 2.12 15.27 -22.95
C ARG B 72 3.14 15.85 -21.96
N ALA B 73 4.19 16.50 -22.50
CA ALA B 73 5.28 17.01 -21.70
C ALA B 73 4.80 18.24 -20.93
N ILE B 74 3.95 19.05 -21.57
CA ILE B 74 3.35 20.22 -20.93
C ILE B 74 2.36 19.78 -19.86
N LEU B 75 1.57 18.75 -20.15
CA LEU B 75 0.56 18.31 -19.21
C LEU B 75 1.22 17.77 -17.95
N LEU B 76 2.23 16.90 -18.12
CA LEU B 76 2.90 16.26 -16.98
C LEU B 76 3.69 17.30 -16.18
N ASP B 77 4.34 18.24 -16.89
CA ASP B 77 5.02 19.35 -16.23
C ASP B 77 4.04 20.16 -15.38
N TRP B 78 2.83 20.41 -15.91
CA TRP B 78 1.80 21.13 -15.18
C TRP B 78 1.37 20.38 -13.92
N LEU B 79 1.24 19.05 -14.02
CA LEU B 79 0.86 18.21 -12.90
C LEU B 79 1.94 18.22 -11.81
N MET B 80 3.21 18.36 -12.18
CA MET B 80 4.27 18.44 -11.17
C MET B 80 4.12 19.74 -10.36
N GLU B 81 3.72 20.82 -11.05
CA GLU B 81 3.54 22.12 -10.43
C GLU B 81 2.38 22.09 -9.44
N VAL B 82 1.26 21.48 -9.84
CA VAL B 82 0.12 21.29 -8.96
C VAL B 82 0.55 20.51 -7.73
N CYS B 83 1.35 19.47 -7.95
CA CYS B 83 1.82 18.60 -6.88
C CYS B 83 2.63 19.38 -5.85
N GLU B 84 3.47 20.30 -6.32
CA GLU B 84 4.37 21.03 -5.45
C GLU B 84 3.58 22.01 -4.59
N VAL B 85 2.56 22.63 -5.19
CA VAL B 85 1.66 23.56 -4.51
C VAL B 85 0.87 22.87 -3.38
N TYR B 86 0.51 21.59 -3.55
CA TYR B 86 -0.32 20.88 -2.59
C TYR B 86 0.52 19.89 -1.79
N LYS B 87 1.84 20.01 -1.90
CA LYS B 87 2.79 19.22 -1.12
C LYS B 87 2.49 17.73 -1.29
N LEU B 88 2.12 17.32 -2.51
CA LEU B 88 1.86 15.93 -2.81
C LEU B 88 3.17 15.17 -2.95
N HIS B 89 3.13 13.84 -2.77
CA HIS B 89 4.33 13.02 -2.82
C HIS B 89 4.76 12.80 -4.26
N ARG B 90 6.05 12.43 -4.44
CA ARG B 90 6.54 12.08 -5.77
C ARG B 90 5.80 10.84 -6.27
N GLU B 91 5.48 9.92 -5.33
CA GLU B 91 4.74 8.71 -5.59
C GLU B 91 3.37 8.99 -6.21
N THR B 92 2.66 10.02 -5.69
CA THR B 92 1.37 10.45 -6.22
C THR B 92 1.50 10.93 -7.66
N PHE B 93 2.57 11.68 -7.96
CA PHE B 93 2.79 12.20 -9.30
C PHE B 93 3.05 11.08 -10.31
N TYR B 94 3.92 10.13 -9.92
CA TYR B 94 4.33 9.04 -10.79
C TYR B 94 3.22 8.01 -10.98
N LEU B 95 2.30 7.88 -10.00
CA LEU B 95 1.07 7.10 -10.15
C LEU B 95 0.16 7.73 -11.21
N ALA B 96 0.02 9.06 -11.17
CA ALA B 96 -0.81 9.78 -12.11
C ALA B 96 -0.26 9.68 -13.54
N GLN B 97 1.08 9.76 -13.67
CA GLN B 97 1.76 9.66 -14.97
C GLN B 97 1.51 8.28 -15.57
N ASP B 98 1.55 7.25 -14.73
CA ASP B 98 1.31 5.89 -15.18
C ASP B 98 -0.15 5.70 -15.59
N PHE B 99 -1.10 6.22 -14.80
CA PHE B 99 -2.50 6.12 -15.16
C PHE B 99 -2.74 6.88 -16.46
N PHE B 100 -2.12 8.05 -16.59
CA PHE B 100 -2.33 8.88 -17.76
C PHE B 100 -1.92 8.10 -19.01
N ASP B 101 -0.70 7.53 -18.97
CA ASP B 101 -0.06 6.94 -20.12
C ASP B 101 -0.73 5.62 -20.47
N ARG B 102 -1.15 4.83 -19.46
CA ARG B 102 -1.87 3.58 -19.71
C ARG B 102 -3.31 3.81 -20.14
N TYR B 103 -3.95 4.88 -19.65
CA TYR B 103 -5.31 5.20 -20.05
C TYR B 103 -5.34 5.63 -21.51
N MET B 104 -4.38 6.46 -21.90
CA MET B 104 -4.36 7.01 -23.25
C MET B 104 -4.13 5.91 -24.27
N ALA B 105 -3.39 4.87 -23.85
CA ALA B 105 -3.08 3.74 -24.71
C ALA B 105 -4.29 2.81 -24.86
N THR B 106 -5.33 2.99 -24.04
CA THR B 106 -6.57 2.23 -24.16
C THR B 106 -7.56 2.96 -25.07
N GLN B 107 -7.33 4.25 -25.36
CA GLN B 107 -8.29 5.08 -26.05
C GLN B 107 -7.74 5.45 -27.43
N GLU B 108 -8.55 6.17 -28.21
CA GLU B 108 -8.21 6.58 -29.56
C GLU B 108 -8.81 7.94 -29.90
N ASN B 109 -8.02 8.75 -30.63
CA ASN B 109 -8.47 10.00 -31.21
C ASN B 109 -8.97 10.98 -30.15
N VAL B 110 -8.25 11.07 -29.03
CA VAL B 110 -8.61 12.00 -27.98
C VAL B 110 -8.19 13.41 -28.40
N VAL B 111 -9.15 14.34 -28.29
CA VAL B 111 -8.94 15.72 -28.71
C VAL B 111 -8.03 16.38 -27.68
N LYS B 112 -7.15 17.26 -28.14
CA LYS B 112 -6.13 17.88 -27.30
C LYS B 112 -6.75 18.68 -26.15
N THR B 113 -8.04 19.01 -26.26
CA THR B 113 -8.68 19.88 -25.28
C THR B 113 -9.08 19.10 -24.04
N LEU B 114 -8.99 17.77 -24.06
CA LEU B 114 -9.38 16.95 -22.92
C LEU B 114 -8.19 16.46 -22.10
N LEU B 115 -6.96 16.74 -22.53
CA LEU B 115 -5.78 16.21 -21.84
C LEU B 115 -5.68 16.75 -20.40
N GLN B 116 -6.01 18.03 -20.21
CA GLN B 116 -5.98 18.61 -18.88
C GLN B 116 -6.93 17.86 -17.95
N LEU B 117 -8.12 17.49 -18.44
CA LEU B 117 -9.10 16.79 -17.63
C LEU B 117 -8.65 15.37 -17.31
N ILE B 118 -8.05 14.70 -18.31
CA ILE B 118 -7.57 13.35 -18.11
C ILE B 118 -6.38 13.37 -17.14
N GLY B 119 -5.49 14.35 -17.32
CA GLY B 119 -4.36 14.50 -16.42
C GLY B 119 -4.79 14.72 -14.98
N ILE B 120 -5.68 15.72 -14.76
CA ILE B 120 -6.05 16.15 -13.43
C ILE B 120 -6.88 15.07 -12.72
N SER B 121 -7.63 14.29 -13.51
CA SER B 121 -8.41 13.18 -12.99
C SER B 121 -7.50 12.03 -12.56
N SER B 122 -6.45 11.79 -13.36
CA SER B 122 -5.43 10.80 -13.03
C SER B 122 -4.78 11.14 -11.68
N LEU B 123 -4.48 12.42 -11.47
CA LEU B 123 -3.84 12.88 -10.26
C LEU B 123 -4.84 12.81 -9.10
N PHE B 124 -6.12 13.03 -9.38
CA PHE B 124 -7.15 12.93 -8.34
C PHE B 124 -7.19 11.50 -7.80
N ILE B 125 -7.18 10.50 -8.69
CA ILE B 125 -7.17 9.11 -8.29
C ILE B 125 -5.88 8.79 -7.54
N ALA B 126 -4.75 9.26 -8.05
CA ALA B 126 -3.46 8.98 -7.45
C ALA B 126 -3.38 9.51 -6.03
N ALA B 127 -3.96 10.71 -5.80
CA ALA B 127 -3.93 11.35 -4.49
C ALA B 127 -4.78 10.59 -3.47
N LYS B 128 -5.95 10.10 -3.89
CA LYS B 128 -6.83 9.34 -3.00
C LYS B 128 -6.19 8.00 -2.62
N LEU B 129 -5.34 7.47 -3.51
CA LEU B 129 -4.65 6.22 -3.25
C LEU B 129 -3.52 6.41 -2.23
N GLU B 130 -2.72 7.47 -2.43
CA GLU B 130 -1.43 7.56 -1.79
C GLU B 130 -1.43 8.52 -0.61
N GLU B 131 -2.23 9.59 -0.65
CA GLU B 131 -2.17 10.65 0.34
C GLU B 131 -3.00 10.30 1.57
N ILE B 132 -2.49 10.71 2.75
CA ILE B 132 -3.26 10.62 3.99
C ILE B 132 -4.39 11.65 3.98
N TYR B 133 -4.06 12.91 3.68
CA TYR B 133 -5.04 13.98 3.61
C TYR B 133 -5.01 14.57 2.21
N PRO B 134 -5.62 13.90 1.19
CA PRO B 134 -5.61 14.39 -0.17
C PRO B 134 -6.37 15.71 -0.31
N PRO B 135 -6.05 16.59 -1.27
CA PRO B 135 -6.88 17.75 -1.52
C PRO B 135 -8.29 17.33 -1.92
N LYS B 136 -9.24 18.23 -1.62
CA LYS B 136 -10.63 18.04 -2.01
C LYS B 136 -10.79 18.28 -3.51
N LEU B 137 -11.81 17.65 -4.09
CA LEU B 137 -12.14 17.77 -5.51
C LEU B 137 -12.15 19.23 -5.93
N HIS B 138 -12.65 20.12 -5.06
CA HIS B 138 -12.73 21.53 -5.38
C HIS B 138 -11.37 22.14 -5.72
N GLN B 139 -10.28 21.56 -5.20
CA GLN B 139 -8.95 22.09 -5.43
C GLN B 139 -8.41 21.59 -6.78
N PHE B 140 -8.73 20.33 -7.11
CA PHE B 140 -8.38 19.77 -8.41
C PHE B 140 -9.09 20.54 -9.52
N ALA B 141 -10.34 20.94 -9.25
CA ALA B 141 -11.10 21.77 -10.18
C ALA B 141 -10.53 23.19 -10.24
N TYR B 142 -10.11 23.72 -9.08
CA TYR B 142 -9.65 25.09 -8.99
C TYR B 142 -8.39 25.33 -9.84
N VAL B 143 -7.47 24.36 -9.85
CA VAL B 143 -6.19 24.54 -10.53
C VAL B 143 -6.38 24.55 -12.04
N THR B 144 -7.53 24.04 -12.53
CA THR B 144 -7.82 24.00 -13.96
C THR B 144 -8.38 25.32 -14.46
N ASP B 145 -8.79 26.17 -13.51
CA ASP B 145 -9.04 27.57 -13.78
C ASP B 145 -10.28 27.71 -14.68
N GLY B 146 -11.32 26.92 -14.38
CA GLY B 146 -12.55 26.93 -15.15
C GLY B 146 -12.69 25.75 -16.13
N ALA B 147 -11.60 25.35 -16.79
CA ALA B 147 -11.66 24.31 -17.81
C ALA B 147 -12.38 23.04 -17.32
N CYS B 148 -12.08 22.56 -16.11
CA CYS B 148 -12.60 21.28 -15.63
C CYS B 148 -13.41 21.52 -14.37
N SER B 149 -14.58 20.91 -14.30
CA SER B 149 -15.45 20.97 -13.15
C SER B 149 -15.32 19.70 -12.31
N GLY B 150 -15.83 19.74 -11.09
CA GLY B 150 -15.79 18.57 -10.22
C GLY B 150 -16.54 17.41 -10.85
N ASP B 151 -17.64 17.72 -11.53
CA ASP B 151 -18.48 16.69 -12.11
C ASP B 151 -17.74 16.02 -13.28
N GLU B 152 -16.99 16.82 -14.04
CA GLU B 152 -16.22 16.31 -15.14
C GLU B 152 -15.12 15.40 -14.61
N ILE B 153 -14.54 15.77 -13.46
CA ILE B 153 -13.45 15.01 -12.86
C ILE B 153 -13.97 13.70 -12.28
N LEU B 154 -15.18 13.72 -11.68
CA LEU B 154 -15.78 12.53 -11.11
C LEU B 154 -16.18 11.54 -12.21
N THR B 155 -16.68 12.06 -13.34
CA THR B 155 -17.00 11.25 -14.50
C THR B 155 -15.73 10.63 -15.06
N MET B 156 -14.70 11.46 -15.26
CA MET B 156 -13.48 11.02 -15.93
C MET B 156 -12.76 9.98 -15.06
N GLU B 157 -12.77 10.15 -13.72
CA GLU B 157 -12.01 9.25 -12.86
C GLU B 157 -12.56 7.83 -13.02
N LEU B 158 -13.90 7.70 -13.15
CA LEU B 158 -14.55 6.41 -13.35
C LEU B 158 -14.19 5.83 -14.70
N MET B 159 -14.17 6.69 -15.72
CA MET B 159 -13.81 6.25 -17.05
C MET B 159 -12.39 5.68 -17.05
N ILE B 160 -11.49 6.34 -16.33
CA ILE B 160 -10.10 5.92 -16.30
C ILE B 160 -9.99 4.58 -15.60
N MET B 161 -10.66 4.46 -14.45
CA MET B 161 -10.48 3.28 -13.60
C MET B 161 -11.06 2.04 -14.28
N LYS B 162 -12.12 2.21 -15.07
CA LYS B 162 -12.73 1.06 -15.75
C LYS B 162 -11.90 0.66 -16.96
N ALA B 163 -11.38 1.65 -17.70
CA ALA B 163 -10.47 1.37 -18.80
C ALA B 163 -9.23 0.59 -18.33
N LEU B 164 -8.72 0.92 -17.13
CA LEU B 164 -7.52 0.29 -16.60
C LEU B 164 -7.87 -1.00 -15.87
N LYS B 165 -9.17 -1.29 -15.72
CA LYS B 165 -9.63 -2.49 -15.04
C LYS B 165 -9.16 -2.45 -13.59
N TRP B 166 -9.10 -1.25 -13.02
CA TRP B 166 -8.82 -1.07 -11.61
C TRP B 166 -7.43 -1.55 -11.26
N ARG B 167 -6.55 -1.67 -12.28
CA ARG B 167 -5.14 -1.98 -12.10
C ARG B 167 -4.40 -0.68 -11.76
N LEU B 168 -4.33 -0.37 -10.46
CA LEU B 168 -3.92 0.96 -10.02
C LEU B 168 -2.76 0.88 -9.02
N SER B 169 -2.09 -0.28 -8.98
CA SER B 169 -1.01 -0.55 -8.05
C SER B 169 0.28 -0.85 -8.82
N PRO B 170 0.77 0.04 -9.71
CA PRO B 170 2.07 -0.18 -10.35
C PRO B 170 3.24 0.10 -9.43
N LEU B 171 4.40 -0.52 -9.75
CA LEU B 171 5.67 -0.03 -9.27
C LEU B 171 6.11 1.11 -10.19
N THR B 172 6.08 2.31 -9.64
CA THR B 172 6.42 3.51 -10.39
C THR B 172 7.94 3.61 -10.48
N ILE B 173 8.35 4.56 -11.34
CA ILE B 173 9.75 4.91 -11.52
C ILE B 173 10.38 5.25 -10.17
N VAL B 174 9.68 6.07 -9.37
CA VAL B 174 10.25 6.61 -8.15
C VAL B 174 10.23 5.55 -7.04
N SER B 175 9.31 4.58 -7.12
CA SER B 175 9.30 3.49 -6.16
C SER B 175 10.58 2.65 -6.28
N TRP B 176 11.12 2.53 -7.51
CA TRP B 176 12.34 1.81 -7.78
C TRP B 176 13.58 2.54 -7.25
N LEU B 177 13.57 3.87 -7.36
CA LEU B 177 14.64 4.68 -6.81
C LEU B 177 14.68 4.58 -5.29
N ASN B 178 13.51 4.53 -4.64
CA ASN B 178 13.38 4.40 -3.20
C ASN B 178 14.09 3.11 -2.76
N VAL B 179 13.90 2.02 -3.50
CA VAL B 179 14.39 0.73 -3.06
C VAL B 179 15.88 0.58 -3.39
N TYR B 180 16.30 1.08 -4.57
CA TYR B 180 17.71 1.10 -4.93
C TYR B 180 18.53 1.88 -3.90
N MET B 181 18.00 3.02 -3.44
CA MET B 181 18.69 3.86 -2.48
C MET B 181 18.82 3.15 -1.13
N GLN B 182 17.80 2.36 -0.77
CA GLN B 182 17.76 1.68 0.51
C GLN B 182 18.83 0.60 0.55
N VAL B 183 18.97 -0.12 -0.58
CA VAL B 183 19.94 -1.18 -0.73
C VAL B 183 21.35 -0.59 -0.73
N ALA B 184 21.52 0.60 -1.32
CA ALA B 184 22.82 1.24 -1.42
C ALA B 184 23.34 1.64 -0.04
N TYR B 185 22.43 1.96 0.90
CA TYR B 185 22.79 2.67 2.12
C TYR B 185 22.43 1.83 3.33
N LEU B 186 22.09 0.55 3.10
CA LEU B 186 21.58 -0.31 4.15
C LEU B 186 22.67 -0.53 5.20
N ASN B 187 22.34 -0.23 6.47
CA ASN B 187 23.20 -0.50 7.62
C ASN B 187 22.60 -1.63 8.43
N ASP B 188 21.34 -1.42 8.86
CA ASP B 188 20.59 -2.38 9.65
C ASP B 188 19.86 -3.34 8.71
N LEU B 189 20.30 -4.61 8.72
CA LEU B 189 19.67 -5.66 7.93
C LEU B 189 18.39 -6.13 8.62
N HIS B 190 18.18 -5.67 9.87
CA HIS B 190 16.95 -5.91 10.62
C HIS B 190 15.96 -4.74 10.45
N GLU B 191 16.36 -3.72 9.67
CA GLU B 191 15.52 -2.56 9.40
C GLU B 191 15.63 -2.21 7.93
N VAL B 192 15.03 -3.07 7.08
CA VAL B 192 15.04 -2.90 5.64
C VAL B 192 13.81 -2.11 5.21
N LEU B 193 12.84 -2.00 6.12
CA LEU B 193 11.59 -1.32 5.87
C LEU B 193 11.66 0.12 6.36
N LEU B 194 12.50 0.38 7.37
CA LEU B 194 12.74 1.72 7.86
C LEU B 194 13.77 2.43 6.98
N PRO B 195 13.42 3.57 6.33
CA PRO B 195 14.29 4.21 5.34
C PRO B 195 15.55 4.78 5.97
N GLN B 196 16.70 4.52 5.34
CA GLN B 196 17.98 4.93 5.88
C GLN B 196 18.92 5.38 4.76
N TYR B 197 18.41 6.16 3.79
CA TYR B 197 19.25 6.71 2.73
C TYR B 197 19.34 8.24 2.86
N PRO B 198 20.38 8.89 2.27
CA PRO B 198 20.51 10.34 2.34
C PRO B 198 19.52 11.02 1.40
N GLN B 199 19.21 12.28 1.68
CA GLN B 199 18.13 12.96 0.99
C GLN B 199 18.60 13.62 -0.31
N GLN B 200 19.85 14.06 -0.37
CA GLN B 200 20.27 14.90 -1.48
C GLN B 200 20.61 14.06 -2.71
N ILE B 201 21.11 12.84 -2.48
CA ILE B 201 21.35 11.95 -3.60
C ILE B 201 20.01 11.57 -4.23
N PHE B 202 18.98 11.33 -3.39
CA PHE B 202 17.67 10.89 -3.85
C PHE B 202 17.03 11.93 -4.76
N ILE B 203 17.02 13.20 -4.31
CA ILE B 203 16.32 14.23 -5.04
C ILE B 203 17.09 14.62 -6.30
N GLN B 204 18.41 14.39 -6.31
CA GLN B 204 19.24 14.70 -7.47
C GLN B 204 18.89 13.72 -8.60
N ILE B 205 18.70 12.45 -8.23
CA ILE B 205 18.37 11.43 -9.21
C ILE B 205 16.93 11.64 -9.66
N ALA B 206 16.04 12.00 -8.71
CA ALA B 206 14.63 12.17 -9.03
C ALA B 206 14.45 13.32 -10.01
N GLU B 207 15.34 14.30 -9.92
CA GLU B 207 15.30 15.47 -10.79
C GLU B 207 15.58 15.05 -12.24
N LEU B 208 16.53 14.14 -12.42
CA LEU B 208 16.85 13.61 -13.74
C LEU B 208 15.67 12.77 -14.25
N LEU B 209 15.10 11.92 -13.39
CA LEU B 209 13.95 11.10 -13.75
C LEU B 209 12.73 11.97 -14.13
N ASP B 210 12.49 13.06 -13.38
CA ASP B 210 11.43 14.01 -13.66
C ASP B 210 11.62 14.64 -15.06
N LEU B 211 12.86 14.77 -15.53
CA LEU B 211 13.10 15.36 -16.83
C LEU B 211 12.85 14.34 -17.94
N CYS B 212 13.36 13.12 -17.76
CA CYS B 212 13.22 12.05 -18.74
C CYS B 212 11.77 11.68 -19.02
N VAL B 213 10.96 11.65 -17.96
CA VAL B 213 9.58 11.16 -18.01
C VAL B 213 8.70 12.10 -18.84
N LEU B 214 9.15 13.35 -19.05
CA LEU B 214 8.48 14.28 -19.94
C LEU B 214 8.61 13.88 -21.41
N ASP B 215 9.62 13.06 -21.75
CA ASP B 215 9.75 12.49 -23.09
C ASP B 215 9.11 11.10 -23.15
N VAL B 216 8.19 10.91 -24.11
CA VAL B 216 7.36 9.72 -24.20
C VAL B 216 8.21 8.51 -24.61
N ASP B 217 9.37 8.79 -25.21
CA ASP B 217 10.34 7.75 -25.54
C ASP B 217 10.75 6.95 -24.32
N CYS B 218 10.66 7.57 -23.13
CA CYS B 218 11.05 6.93 -21.89
C CYS B 218 10.28 5.62 -21.66
N LEU B 219 9.12 5.45 -22.34
CA LEU B 219 8.21 4.35 -22.01
C LEU B 219 8.69 3.03 -22.64
N GLU B 220 9.63 3.12 -23.59
CA GLU B 220 10.33 1.97 -24.14
C GLU B 220 11.10 1.21 -23.04
N PHE B 221 11.50 1.91 -21.96
CA PHE B 221 12.32 1.33 -20.91
C PHE B 221 11.43 0.98 -19.72
N PRO B 222 11.52 -0.26 -19.22
CA PRO B 222 10.87 -0.60 -17.96
C PRO B 222 11.26 0.45 -16.91
N TYR B 223 10.34 0.67 -15.97
CA TYR B 223 10.47 1.70 -14.97
C TYR B 223 11.63 1.41 -14.02
N GLY B 224 12.04 0.15 -13.90
CA GLY B 224 13.15 -0.21 -13.03
C GLY B 224 14.50 0.05 -13.68
N ILE B 225 14.50 0.03 -15.02
CA ILE B 225 15.69 0.25 -15.83
C ILE B 225 15.90 1.75 -16.02
N LEU B 226 14.81 2.53 -16.07
CA LEU B 226 14.89 3.98 -16.03
C LEU B 226 15.47 4.44 -14.70
N ALA B 227 14.97 3.86 -13.60
CA ALA B 227 15.47 4.22 -12.29
C ALA B 227 16.96 3.87 -12.22
N ALA B 228 17.32 2.67 -12.67
CA ALA B 228 18.70 2.17 -12.64
C ALA B 228 19.65 3.00 -13.50
N SER B 229 19.18 3.44 -14.68
CA SER B 229 19.98 4.22 -15.60
C SER B 229 20.25 5.61 -15.05
N ALA B 230 19.26 6.21 -14.39
CA ALA B 230 19.42 7.55 -13.85
C ALA B 230 20.32 7.47 -12.62
N LEU B 231 20.28 6.34 -11.93
CA LEU B 231 21.15 6.15 -10.78
C LEU B 231 22.59 5.99 -11.25
N TYR B 232 22.80 5.24 -12.35
CA TYR B 232 24.10 5.01 -12.93
C TYR B 232 24.74 6.32 -13.37
N HIS B 233 23.96 7.27 -13.91
CA HIS B 233 24.49 8.54 -14.35
C HIS B 233 24.97 9.42 -13.19
N PHE B 234 24.52 9.13 -11.96
CA PHE B 234 24.96 9.85 -10.79
C PHE B 234 25.86 8.94 -9.93
N SER B 235 26.43 7.90 -10.54
CA SER B 235 26.99 6.84 -9.72
C SER B 235 28.13 6.11 -10.46
N SER B 236 28.10 4.79 -10.43
CA SER B 236 29.03 3.93 -11.14
C SER B 236 28.23 2.73 -11.64
N SER B 237 28.87 1.82 -12.38
CA SER B 237 28.21 0.60 -12.80
C SER B 237 28.30 -0.43 -11.68
N GLU B 238 29.25 -0.18 -10.77
CA GLU B 238 29.44 -1.01 -9.60
C GLU B 238 28.21 -0.90 -8.69
N LEU B 239 27.76 0.34 -8.44
CA LEU B 239 26.60 0.58 -7.60
C LEU B 239 25.32 0.15 -8.32
N MET B 240 25.14 0.60 -9.56
CA MET B 240 23.96 0.24 -10.33
C MET B 240 23.71 -1.27 -10.22
N GLN B 241 24.76 -2.08 -10.43
CA GLN B 241 24.61 -3.52 -10.41
C GLN B 241 24.27 -4.00 -9.00
N LYS B 242 24.91 -3.40 -8.00
CA LYS B 242 24.74 -3.81 -6.61
C LYS B 242 23.31 -3.60 -6.14
N VAL B 243 22.70 -2.45 -6.47
CA VAL B 243 21.38 -2.13 -5.94
C VAL B 243 20.24 -2.69 -6.80
N SER B 244 20.51 -3.05 -8.05
CA SER B 244 19.46 -3.34 -9.02
C SER B 244 19.52 -4.79 -9.53
N GLY B 245 20.69 -5.42 -9.50
CA GLY B 245 20.87 -6.72 -10.14
C GLY B 245 20.99 -6.67 -11.67
N TYR B 246 20.79 -5.51 -12.30
CA TYR B 246 20.90 -5.47 -13.75
C TYR B 246 22.36 -5.61 -14.15
N GLN B 247 22.59 -6.09 -15.38
CA GLN B 247 23.89 -6.06 -16.01
C GLN B 247 23.94 -4.88 -16.99
N TRP B 248 25.13 -4.62 -17.55
CA TRP B 248 25.28 -3.50 -18.45
C TRP B 248 24.41 -3.67 -19.70
N CYS B 249 24.40 -4.88 -20.25
CA CYS B 249 23.60 -5.18 -21.44
C CYS B 249 22.14 -4.76 -21.23
N ASP B 250 21.62 -4.88 -19.99
CA ASP B 250 20.22 -4.61 -19.69
C ASP B 250 19.89 -3.11 -19.80
N ILE B 251 20.76 -2.24 -19.28
CA ILE B 251 20.42 -0.83 -19.14
C ILE B 251 21.10 -0.01 -20.23
N GLU B 252 21.95 -0.65 -21.01
CA GLU B 252 22.82 0.03 -21.96
C GLU B 252 22.04 1.00 -22.84
N ASN B 253 20.95 0.52 -23.45
CA ASN B 253 20.20 1.34 -24.40
C ASN B 253 19.55 2.53 -23.71
N CYS B 254 19.03 2.25 -22.52
CA CYS B 254 18.41 3.27 -21.70
C CYS B 254 19.45 4.32 -21.29
N VAL B 255 20.57 3.85 -20.74
CA VAL B 255 21.65 4.73 -20.31
C VAL B 255 22.06 5.65 -21.46
N LYS B 256 22.17 5.08 -22.66
CA LYS B 256 22.61 5.85 -23.81
C LYS B 256 21.53 6.84 -24.25
N TRP B 257 20.27 6.41 -24.20
CA TRP B 257 19.14 7.29 -24.48
C TRP B 257 19.14 8.51 -23.55
N MET B 258 19.55 8.29 -22.29
CA MET B 258 19.33 9.21 -21.19
C MET B 258 20.43 10.27 -21.10
N VAL B 259 21.50 10.12 -21.90
CA VAL B 259 22.72 10.90 -21.78
C VAL B 259 22.47 12.40 -21.97
N PRO B 260 21.84 12.86 -23.07
CA PRO B 260 21.55 14.28 -23.21
C PRO B 260 20.78 14.86 -22.02
N PHE B 261 19.93 14.03 -21.38
CA PHE B 261 19.13 14.48 -20.24
C PHE B 261 20.05 14.66 -19.04
N ALA B 262 20.93 13.68 -18.79
CA ALA B 262 21.91 13.76 -17.72
C ALA B 262 22.80 14.99 -17.90
N MET B 263 23.26 15.22 -19.14
CA MET B 263 24.19 16.29 -19.43
C MET B 263 23.58 17.64 -19.10
N VAL B 264 22.34 17.83 -19.55
CA VAL B 264 21.60 19.07 -19.34
C VAL B 264 21.39 19.30 -17.84
N ILE B 265 21.10 18.23 -17.08
CA ILE B 265 20.93 18.36 -15.65
C ILE B 265 22.27 18.81 -15.04
N ARG B 266 23.37 18.23 -15.52
CA ARG B 266 24.69 18.53 -14.98
C ARG B 266 25.05 19.97 -15.24
N GLU B 267 24.72 20.48 -16.43
CA GLU B 267 25.11 21.82 -16.83
C GLU B 267 24.23 22.88 -16.19
N THR B 268 22.96 22.57 -15.90
CA THR B 268 22.09 23.54 -15.25
C THR B 268 22.35 23.54 -13.74
N GLY B 269 22.88 22.42 -13.21
CA GLY B 269 23.06 22.26 -11.79
C GLY B 269 21.81 21.65 -11.12
N SER B 270 22.06 20.92 -10.03
CA SER B 270 21.02 20.22 -9.29
C SER B 270 20.35 21.18 -8.30
N SER B 271 19.12 20.84 -7.92
CA SER B 271 18.37 21.67 -6.99
C SER B 271 18.66 21.21 -5.57
N LYS B 272 18.48 22.14 -4.64
CA LYS B 272 18.71 21.90 -3.23
C LYS B 272 17.41 21.38 -2.62
N LEU B 273 17.52 20.58 -1.55
CA LEU B 273 16.35 20.08 -0.84
C LEU B 273 15.59 21.27 -0.27
N LYS B 274 14.27 21.29 -0.49
CA LYS B 274 13.41 22.34 0.02
C LYS B 274 12.79 21.91 1.34
N HIS B 275 12.45 22.90 2.16
CA HIS B 275 11.55 22.70 3.28
C HIS B 275 10.13 23.02 2.80
N PHE B 276 9.17 22.24 3.31
CA PHE B 276 7.76 22.42 3.00
C PHE B 276 7.06 22.63 4.32
N ARG B 277 6.19 23.64 4.35
CA ARG B 277 5.40 23.91 5.54
C ARG B 277 4.56 22.69 5.91
N GLY B 278 4.62 22.29 7.19
CA GLY B 278 3.81 21.20 7.69
C GLY B 278 4.33 19.82 7.33
N VAL B 279 5.52 19.76 6.73
CA VAL B 279 6.17 18.51 6.36
C VAL B 279 7.43 18.36 7.21
N ALA B 280 7.54 17.19 7.87
CA ALA B 280 8.73 16.84 8.63
C ALA B 280 9.95 16.93 7.72
N ASP B 281 11.06 17.45 8.23
CA ASP B 281 12.20 17.78 7.38
C ASP B 281 12.89 16.50 6.88
N GLU B 282 12.71 15.40 7.60
CA GLU B 282 13.30 14.13 7.22
C GLU B 282 12.37 13.39 6.25
N ASP B 283 11.29 14.07 5.84
CA ASP B 283 10.29 13.51 4.96
C ASP B 283 10.15 14.39 3.70
N ALA B 284 10.96 15.45 3.63
CA ALA B 284 10.76 16.49 2.66
C ALA B 284 11.25 16.06 1.27
N HIS B 285 12.10 15.03 1.23
CA HIS B 285 12.65 14.55 -0.01
C HIS B 285 11.57 13.81 -0.83
N ASN B 286 10.46 13.46 -0.17
CA ASN B 286 9.40 12.66 -0.77
C ASN B 286 8.33 13.52 -1.44
N ILE B 287 8.48 14.85 -1.32
CA ILE B 287 7.52 15.81 -1.85
C ILE B 287 7.93 16.17 -3.27
N GLN B 288 6.99 16.07 -4.20
CA GLN B 288 7.26 16.40 -5.58
C GLN B 288 7.56 17.89 -5.68
N THR B 289 8.61 18.23 -6.44
CA THR B 289 8.98 19.61 -6.73
C THR B 289 8.78 19.89 -8.21
N HIS B 290 9.14 21.10 -8.64
CA HIS B 290 8.89 21.56 -9.98
C HIS B 290 9.82 22.73 -10.32
N ARG B 291 10.52 22.61 -11.45
CA ARG B 291 11.36 23.68 -11.95
C ARG B 291 10.91 23.95 -13.37
N ASP B 292 11.63 24.79 -14.10
CA ASP B 292 11.35 25.05 -15.50
C ASP B 292 12.04 24.00 -16.35
N SER B 293 11.35 22.88 -16.57
CA SER B 293 11.93 21.68 -17.16
C SER B 293 11.67 21.62 -18.67
N LEU B 294 10.70 22.39 -19.16
CA LEU B 294 10.39 22.35 -20.58
C LEU B 294 11.51 23.04 -21.38
N ASP B 295 12.30 23.91 -20.74
CA ASP B 295 13.46 24.51 -21.37
C ASP B 295 14.60 23.47 -21.44
N LEU B 296 14.80 22.74 -20.34
CA LEU B 296 15.78 21.67 -20.27
C LEU B 296 15.46 20.55 -21.27
N LEU B 297 14.16 20.28 -21.44
CA LEU B 297 13.71 19.22 -22.33
C LEU B 297 14.01 19.60 -23.78
N ASP B 298 13.89 20.90 -24.10
CA ASP B 298 14.24 21.38 -25.43
C ASP B 298 15.75 21.24 -25.63
N LYS B 299 16.53 21.87 -24.74
CA LYS B 299 17.99 21.71 -24.71
C LYS B 299 18.39 20.25 -24.89
N ALA B 300 17.76 19.35 -24.11
CA ALA B 300 18.16 17.93 -24.07
C ALA B 300 17.91 17.24 -25.41
N ARG B 301 16.70 17.42 -25.96
CA ARG B 301 16.27 16.70 -27.15
C ARG B 301 16.94 17.27 -28.41
N ALA B 302 17.45 18.51 -28.35
CA ALA B 302 18.33 19.06 -29.37
C ALA B 302 19.41 18.04 -29.75
N LYS B 303 20.15 17.56 -28.74
CA LYS B 303 21.28 16.66 -28.92
C LYS B 303 20.80 15.26 -29.32
C10 1QK C . -19.58 -11.46 6.08
N12 1QK C . -20.14 -13.68 5.34
C13 1QK C . -20.40 -14.21 6.66
C15 1QK C . -21.82 -13.13 8.44
C17 1QK C . -24.20 -12.92 8.20
C22 1QK C . -19.02 -9.40 8.07
C24 1QK C . -19.75 -6.99 8.33
C26 1QK C . -18.56 -7.80 6.27
C28 1QK C . -16.05 -8.38 6.12
C01 1QK C . -16.31 -9.69 1.47
C02 1QK C . -17.82 -9.77 1.45
C03 1QK C . -18.38 -10.90 2.24
C04 1QK C . -18.70 -12.20 1.81
N05 1QK C . -19.23 -12.96 2.77
N06 1QK C . -19.25 -12.13 3.85
C07 1QK C . -18.74 -10.89 3.57
N08 1QK C . -18.63 -9.88 4.45
C09 1QK C . -19.05 -10.16 5.70
C11 1QK C . -19.67 -12.46 5.11
C14 1QK C . -21.73 -13.76 7.21
C16 1QK C . -23.05 -12.71 8.94
N18 1QK C . -24.08 -13.55 6.97
C19 1QK C . -22.88 -13.97 6.46
O20 1QK C . -25.22 -13.76 6.22
N21 1QK C . -18.94 -9.19 6.62
C23 1QK C . -20.00 -8.45 8.70
C25 1QK C . -19.59 -6.83 6.82
C27 1QK C . -17.12 -7.49 6.74
O29 1QK C . -16.15 -8.37 4.71
S SO4 D . -7.48 8.15 3.89
O1 SO4 D . -6.04 8.24 4.01
O2 SO4 D . -7.82 7.57 2.62
O3 SO4 D . -8.01 7.33 4.95
O4 SO4 D . -8.06 9.47 3.98
C1 GOL E . 0.52 -5.14 -4.46
O1 GOL E . 0.21 -3.75 -4.42
C2 GOL E . -0.62 -5.97 -4.99
O2 GOL E . -1.56 -5.11 -5.64
C3 GOL E . -0.21 -7.08 -5.95
O3 GOL E . 0.99 -7.74 -5.56
S SO4 F . -10.47 -8.38 -14.51
O1 SO4 F . -9.51 -8.19 -15.58
O2 SO4 F . -10.06 -9.46 -13.63
O3 SO4 F . -11.75 -8.73 -15.08
O4 SO4 F . -10.57 -7.17 -13.76
S SO4 G . 6.86 25.33 9.39
O1 SO4 G . 7.93 25.14 10.32
O2 SO4 G . 7.32 26.12 8.27
O3 SO4 G . 6.37 24.05 8.94
O4 SO4 G . 5.79 26.04 10.05
S SO4 H . 25.74 21.24 -8.90
O1 SO4 H . 27.13 20.95 -9.14
O2 SO4 H . 24.95 20.14 -9.37
O3 SO4 H . 25.54 21.41 -7.48
O4 SO4 H . 25.37 22.46 -9.59
S SO4 I . 21.95 14.34 3.12
O1 SO4 I . 23.15 13.71 3.63
O2 SO4 I . 21.83 14.04 1.71
O3 SO4 I . 20.82 13.81 3.85
O4 SO4 I . 22.04 15.77 3.28
S SO4 J . 15.23 8.91 4.63
O1 SO4 J . 15.73 10.08 3.94
O2 SO4 J . 15.45 7.74 3.82
O3 SO4 J . 13.83 9.06 4.87
O4 SO4 J . 15.92 8.79 5.89
O1 MES K . -17.76 16.05 -28.62
C2 MES K . -17.76 17.24 -29.40
C3 MES K . -16.86 18.28 -28.81
N4 MES K . -15.47 17.76 -28.63
C5 MES K . -15.49 16.46 -27.89
C6 MES K . -16.44 15.51 -28.56
C7 MES K . -14.61 18.77 -27.91
C8 MES K . -13.88 19.71 -28.86
S MES K . -13.45 21.27 -28.12
O1S MES K . -13.46 21.06 -26.70
O2S MES K . -12.14 21.58 -28.62
O3S MES K . -14.46 22.20 -28.55
C1 GOL L . 23.41 8.85 5.76
O1 GOL L . 23.25 7.74 4.88
C2 GOL L . 22.19 9.76 5.74
O2 GOL L . 21.13 9.17 6.50
C3 GOL L . 22.47 11.15 6.24
O3 GOL L . 21.42 12.06 5.90
#